data_7SUO
#
_entry.id   7SUO
#
_cell.length_a   42.704
_cell.length_b   51.140
_cell.length_c   153.088
_cell.angle_alpha   90.00
_cell.angle_beta   90.00
_cell.angle_gamma   90.00
#
_symmetry.space_group_name_H-M   'P 21 21 21'
#
loop_
_entity.id
_entity.type
_entity.pdbx_description
1 polymer 'Ras GTPase-activating protein-binding protein 1'
2 polymer Nucleoprotein
3 water water
#
loop_
_entity_poly.entity_id
_entity_poly.type
_entity_poly.pdbx_seq_one_letter_code
_entity_poly.pdbx_strand_id
1 'polypeptide(L)'
;VMEKPSPLLVGREFVRQYYTLLNQAPDMLHRFYGKNSSYVHGGLDSNGKPADAVYGQKEIHRKVMSQNFTNCHTKIRHVD
AHATLNDGVVVQVMGLLSNNNQALRRFMQTFVLAPEGSVANKFYVHNDIFRYQDEVFG
;
A,B
2 'polypeptide(L)' APRITFGGPSD C,D
#
# COMPACT_ATOMS: atom_id res chain seq x y z
N MET A 2 -4.50 -6.95 -27.16
CA MET A 2 -5.71 -7.77 -27.04
C MET A 2 -6.83 -6.99 -26.36
N GLU A 3 -6.91 -7.13 -25.04
CA GLU A 3 -7.88 -6.41 -24.22
C GLU A 3 -7.14 -5.57 -23.19
N LYS A 4 -7.86 -5.10 -22.18
CA LYS A 4 -7.24 -4.31 -21.13
C LYS A 4 -6.56 -5.24 -20.12
N PRO A 5 -5.30 -5.01 -19.78
CA PRO A 5 -4.59 -5.94 -18.90
C PRO A 5 -5.13 -5.92 -17.48
N SER A 6 -5.08 -7.09 -16.85
CA SER A 6 -5.51 -7.22 -15.48
C SER A 6 -4.59 -6.43 -14.56
N PRO A 7 -5.11 -5.93 -13.43
CA PRO A 7 -4.23 -5.29 -12.44
C PRO A 7 -3.10 -6.20 -11.98
N LEU A 8 -3.34 -7.51 -11.92
CA LEU A 8 -2.28 -8.42 -11.48
C LEU A 8 -1.16 -8.51 -12.50
N LEU A 9 -1.52 -8.58 -13.79
CA LEU A 9 -0.52 -8.59 -14.84
C LEU A 9 0.34 -7.32 -14.80
N VAL A 10 -0.33 -6.16 -14.66
CA VAL A 10 0.39 -4.89 -14.58
C VAL A 10 1.34 -4.89 -13.38
N GLY A 11 0.83 -5.32 -12.22
CA GLY A 11 1.66 -5.32 -11.03
C GLY A 11 2.85 -6.25 -11.13
N ARG A 12 2.65 -7.46 -11.65
CA ARG A 12 3.74 -8.42 -11.76
C ARG A 12 4.80 -7.92 -12.74
N GLU A 13 4.37 -7.44 -13.91
CA GLU A 13 5.31 -6.92 -14.88
C GLU A 13 6.07 -5.73 -14.31
N PHE A 14 5.39 -4.88 -13.53
CA PHE A 14 6.08 -3.76 -12.93
C PHE A 14 7.11 -4.21 -11.92
N VAL A 15 6.76 -5.17 -11.06
CA VAL A 15 7.71 -5.62 -10.06
C VAL A 15 8.96 -6.16 -10.73
N ARG A 16 8.77 -6.96 -11.79
CA ARG A 16 9.93 -7.48 -12.50
C ARG A 16 10.78 -6.36 -13.07
N GLN A 17 10.17 -5.43 -13.81
CA GLN A 17 10.95 -4.35 -14.44
C GLN A 17 11.61 -3.47 -13.40
N TYR A 18 10.90 -3.16 -12.31
CA TYR A 18 11.40 -2.24 -11.31
C TYR A 18 12.62 -2.81 -10.60
N TYR A 19 12.53 -4.04 -10.10
CA TYR A 19 13.68 -4.55 -9.36
C TYR A 19 14.82 -4.95 -10.29
N THR A 20 14.51 -5.37 -11.53
CA THR A 20 15.58 -5.59 -12.50
C THR A 20 16.35 -4.30 -12.76
N LEU A 21 15.64 -3.18 -12.92
CA LEU A 21 16.33 -1.92 -13.18
C LEU A 21 17.07 -1.44 -11.94
N LEU A 22 16.51 -1.65 -10.75
CA LEU A 22 17.22 -1.31 -9.53
C LEU A 22 18.52 -2.07 -9.42
N ASN A 23 18.55 -3.31 -9.89
CA ASN A 23 19.81 -4.06 -9.92
C ASN A 23 20.75 -3.52 -10.98
N GLN A 24 20.26 -3.37 -12.23
CA GLN A 24 21.17 -3.15 -13.35
C GLN A 24 21.57 -1.69 -13.52
N ALA A 25 20.66 -0.75 -13.29
CA ALA A 25 20.93 0.67 -13.51
C ALA A 25 19.99 1.53 -12.68
N PRO A 26 20.24 1.62 -11.37
CA PRO A 26 19.43 2.51 -10.52
C PRO A 26 19.47 3.96 -10.98
N ASP A 27 20.52 4.36 -11.69
CA ASP A 27 20.59 5.71 -12.26
C ASP A 27 19.46 5.99 -13.23
N MET A 28 18.84 4.95 -13.79
N MET A 28 18.83 4.97 -13.79
CA MET A 28 17.71 5.09 -14.69
CA MET A 28 17.69 5.16 -14.68
C MET A 28 16.36 4.99 -13.97
C MET A 28 16.36 5.00 -13.97
N LEU A 29 16.37 4.63 -12.69
CA LEU A 29 15.12 4.34 -11.98
C LEU A 29 14.19 5.55 -11.94
N HIS A 30 14.76 6.76 -11.88
CA HIS A 30 13.96 7.99 -11.89
C HIS A 30 13.01 8.06 -13.07
N ARG A 31 13.28 7.30 -14.14
CA ARG A 31 12.41 7.28 -15.31
CA ARG A 31 12.39 7.36 -15.29
C ARG A 31 10.99 6.86 -14.97
N PHE A 32 10.81 6.09 -13.88
CA PHE A 32 9.50 5.55 -13.56
C PHE A 32 8.51 6.60 -13.08
N TYR A 33 8.98 7.78 -12.67
CA TYR A 33 8.18 8.69 -11.87
C TYR A 33 7.81 9.95 -12.65
N GLY A 34 6.90 10.72 -12.06
CA GLY A 34 6.43 11.96 -12.65
C GLY A 34 6.61 13.14 -11.72
N LYS A 35 5.95 14.26 -12.02
CA LYS A 35 6.16 15.49 -11.27
C LYS A 35 5.54 15.42 -9.87
N ASN A 36 4.45 14.69 -9.71
CA ASN A 36 3.76 14.59 -8.42
C ASN A 36 4.03 13.28 -7.69
N SER A 37 5.07 12.55 -8.07
CA SER A 37 5.33 11.25 -7.48
C SER A 37 5.98 11.39 -6.10
N SER A 38 5.49 10.60 -5.15
CA SER A 38 6.05 10.52 -3.80
C SER A 38 6.96 9.30 -3.70
N TYR A 39 8.07 9.47 -2.99
CA TYR A 39 9.08 8.42 -2.86
C TYR A 39 9.68 8.43 -1.47
N VAL A 40 9.65 7.27 -0.82
CA VAL A 40 10.40 7.05 0.42
C VAL A 40 10.89 5.61 0.41
N HIS A 41 12.17 5.39 0.73
CA HIS A 41 12.79 4.06 0.71
CA HIS A 41 12.77 4.06 0.72
C HIS A 41 13.49 3.81 2.04
N GLY A 42 12.69 3.58 3.09
CA GLY A 42 13.24 3.26 4.39
C GLY A 42 14.03 4.43 4.99
N GLY A 43 15.02 4.08 5.80
CA GLY A 43 15.88 5.07 6.42
C GLY A 43 15.42 5.50 7.79
N LEU A 44 16.36 5.62 8.72
CA LEU A 44 16.08 6.07 10.08
C LEU A 44 16.72 7.44 10.27
N ASP A 45 15.90 8.45 10.56
CA ASP A 45 16.43 9.79 10.69
C ASP A 45 17.32 9.92 11.93
N SER A 46 18.08 11.01 11.98
CA SER A 46 19.04 11.23 13.05
C SER A 46 18.36 11.26 14.42
N ASN A 47 18.63 10.24 15.24
CA ASN A 47 18.10 10.14 16.59
C ASN A 47 16.57 10.23 16.60
N GLY A 48 15.94 9.27 15.93
CA GLY A 48 14.49 9.26 15.88
C GLY A 48 13.86 8.19 15.01
N LYS A 49 12.72 8.55 14.40
CA LYS A 49 11.80 7.67 13.67
C LYS A 49 12.26 7.40 12.25
N PRO A 50 11.55 6.57 11.48
CA PRO A 50 11.86 6.46 10.04
C PRO A 50 11.81 7.79 9.32
N ALA A 51 12.46 7.84 8.16
CA ALA A 51 12.69 9.07 7.43
C ALA A 51 11.44 9.52 6.68
N ASP A 52 11.54 10.69 6.03
CA ASP A 52 10.42 11.29 5.32
C ASP A 52 10.48 10.91 3.85
N ALA A 53 9.81 11.67 2.98
CA ALA A 53 9.69 11.34 1.57
C ALA A 53 9.95 12.57 0.71
N VAL A 54 10.35 12.31 -0.55
CA VAL A 54 10.66 13.36 -1.52
C VAL A 54 9.67 13.26 -2.68
N TYR A 55 9.58 14.36 -3.43
CA TYR A 55 8.59 14.51 -4.47
C TYR A 55 9.23 15.02 -5.75
N GLY A 56 8.67 14.59 -6.88
CA GLY A 56 9.17 15.01 -8.17
C GLY A 56 10.32 14.16 -8.67
N GLN A 57 10.40 13.99 -9.99
CA GLN A 57 11.38 13.06 -10.56
C GLN A 57 12.81 13.49 -10.27
N LYS A 58 13.09 14.80 -10.29
CA LYS A 58 14.46 15.26 -10.06
C LYS A 58 14.91 14.97 -8.63
N GLU A 59 14.09 15.35 -7.64
CA GLU A 59 14.44 15.06 -6.25
C GLU A 59 14.46 13.57 -5.97
N ILE A 60 13.58 12.81 -6.63
CA ILE A 60 13.60 11.36 -6.48
C ILE A 60 14.92 10.80 -7.00
N HIS A 61 15.38 11.31 -8.15
CA HIS A 61 16.67 10.88 -8.68
C HIS A 61 17.79 11.22 -7.70
N ARG A 62 17.73 12.41 -7.09
CA ARG A 62 18.75 12.78 -6.11
C ARG A 62 18.75 11.81 -4.93
N LYS A 63 17.56 11.44 -4.44
CA LYS A 63 17.48 10.50 -3.32
C LYS A 63 18.05 9.13 -3.70
N VAL A 64 17.62 8.60 -4.85
CA VAL A 64 18.11 7.31 -5.32
C VAL A 64 19.62 7.33 -5.47
N MET A 65 20.17 8.44 -5.98
CA MET A 65 21.62 8.57 -6.10
C MET A 65 22.28 8.58 -4.74
N SER A 66 21.69 9.28 -3.78
CA SER A 66 22.25 9.35 -2.44
C SER A 66 22.19 8.00 -1.72
N GLN A 67 21.32 7.09 -2.16
CA GLN A 67 21.26 5.78 -1.52
C GLN A 67 22.33 4.81 -2.00
N ASN A 68 23.06 5.15 -3.06
CA ASN A 68 24.20 4.36 -3.54
C ASN A 68 23.85 2.88 -3.70
N PHE A 69 22.80 2.63 -4.49
CA PHE A 69 22.42 1.27 -4.80
C PHE A 69 23.51 0.59 -5.61
N THR A 70 24.11 -0.46 -5.03
CA THR A 70 25.23 -1.15 -5.64
C THR A 70 24.98 -2.64 -5.61
N ASN A 71 24.89 -3.26 -6.78
CA ASN A 71 24.67 -4.70 -6.91
C ASN A 71 23.45 -5.14 -6.11
N CYS A 72 22.37 -4.37 -6.25
CA CYS A 72 21.14 -4.64 -5.51
C CYS A 72 20.59 -6.01 -5.87
N HIS A 73 20.26 -6.79 -4.84
CA HIS A 73 19.69 -8.12 -5.01
C HIS A 73 18.34 -8.17 -4.31
N THR A 74 17.38 -8.80 -4.98
CA THR A 74 16.01 -8.82 -4.51
C THR A 74 15.48 -10.25 -4.61
N LYS A 75 14.85 -10.72 -3.53
CA LYS A 75 14.05 -11.93 -3.59
C LYS A 75 12.62 -11.55 -3.25
N ILE A 76 11.75 -11.57 -4.24
CA ILE A 76 10.34 -11.23 -4.03
C ILE A 76 9.60 -12.47 -3.53
N ARG A 77 8.87 -12.32 -2.43
CA ARG A 77 8.11 -13.44 -1.91
C ARG A 77 6.60 -13.30 -2.10
N HIS A 78 6.07 -12.08 -2.24
CA HIS A 78 4.65 -11.98 -2.57
C HIS A 78 4.35 -10.64 -3.22
N VAL A 79 3.43 -10.67 -4.19
CA VAL A 79 2.96 -9.48 -4.90
C VAL A 79 1.45 -9.50 -4.94
N ASP A 80 0.83 -8.40 -4.50
CA ASP A 80 -0.60 -8.16 -4.62
C ASP A 80 -0.81 -6.97 -5.54
N ALA A 81 -1.79 -7.06 -6.44
CA ALA A 81 -2.06 -5.94 -7.35
C ALA A 81 -3.57 -5.85 -7.60
N HIS A 82 -4.13 -4.69 -7.32
CA HIS A 82 -5.57 -4.51 -7.45
C HIS A 82 -5.89 -3.20 -8.16
N ALA A 83 -7.03 -3.18 -8.83
CA ALA A 83 -7.52 -1.97 -9.48
C ALA A 83 -7.87 -0.93 -8.42
N THR A 84 -7.47 0.32 -8.66
CA THR A 84 -7.77 1.40 -7.75
C THR A 84 -8.32 2.58 -8.56
N LEU A 85 -8.27 3.78 -7.98
CA LEU A 85 -8.91 4.94 -8.59
C LEU A 85 -8.30 5.29 -9.94
N ASN A 86 -9.17 5.64 -10.89
CA ASN A 86 -8.78 6.14 -12.20
C ASN A 86 -7.96 5.13 -13.00
N ASP A 87 -8.42 3.88 -13.01
CA ASP A 87 -7.76 2.80 -13.74
C ASP A 87 -6.33 2.58 -13.26
N GLY A 88 -5.98 3.12 -12.10
CA GLY A 88 -4.70 2.83 -11.51
C GLY A 88 -4.65 1.45 -10.89
N VAL A 89 -3.46 1.06 -10.45
CA VAL A 89 -3.21 -0.23 -9.82
C VAL A 89 -2.44 0.02 -8.54
N VAL A 90 -2.90 -0.56 -7.43
CA VAL A 90 -2.16 -0.53 -6.18
C VAL A 90 -1.46 -1.87 -6.01
N VAL A 91 -0.16 -1.81 -5.70
CA VAL A 91 0.69 -2.99 -5.59
C VAL A 91 1.25 -3.05 -4.17
N GLN A 92 1.12 -4.21 -3.54
CA GLN A 92 1.76 -4.50 -2.26
C GLN A 92 2.82 -5.57 -2.52
N VAL A 93 4.07 -5.23 -2.25
CA VAL A 93 5.20 -6.15 -2.42
C VAL A 93 5.75 -6.51 -1.05
N MET A 94 6.02 -7.80 -0.84
CA MET A 94 6.74 -8.27 0.33
C MET A 94 7.92 -9.10 -0.12
N GLY A 95 9.10 -8.78 0.40
CA GLY A 95 10.27 -9.52 -0.05
C GLY A 95 11.50 -9.26 0.78
N LEU A 96 12.64 -9.63 0.20
CA LEU A 96 13.95 -9.42 0.80
C LEU A 96 14.83 -8.64 -0.16
N LEU A 97 15.59 -7.69 0.38
CA LEU A 97 16.41 -6.80 -0.41
C LEU A 97 17.77 -6.63 0.24
N SER A 98 18.83 -6.75 -0.56
CA SER A 98 20.18 -6.51 -0.10
C SER A 98 20.85 -5.45 -0.97
N ASN A 99 21.68 -4.62 -0.33
CA ASN A 99 22.47 -3.62 -1.03
C ASN A 99 23.94 -3.82 -0.70
N ASN A 100 24.79 -3.52 -1.67
CA ASN A 100 26.25 -3.56 -1.51
C ASN A 100 26.73 -4.93 -1.03
N ASN A 101 26.03 -6.00 -1.45
CA ASN A 101 26.36 -7.37 -1.06
C ASN A 101 26.37 -7.56 0.45
N GLN A 102 25.50 -6.83 1.15
CA GLN A 102 25.24 -7.07 2.56
C GLN A 102 24.11 -8.08 2.69
N ALA A 103 23.83 -8.49 3.93
CA ALA A 103 22.80 -9.48 4.16
C ALA A 103 21.44 -8.98 3.64
N LEU A 104 20.59 -9.93 3.26
CA LEU A 104 19.24 -9.60 2.84
C LEU A 104 18.41 -9.11 4.02
N ARG A 105 17.57 -8.11 3.76
CA ARG A 105 16.69 -7.57 4.79
C ARG A 105 15.25 -7.62 4.29
N ARG A 106 14.34 -8.05 5.16
CA ARG A 106 12.94 -8.15 4.80
C ARG A 106 12.33 -6.76 4.67
N PHE A 107 11.45 -6.60 3.68
CA PHE A 107 10.84 -5.31 3.40
C PHE A 107 9.40 -5.49 2.98
N MET A 108 8.68 -4.37 3.06
CA MET A 108 7.30 -4.23 2.64
C MET A 108 7.20 -2.94 1.84
N GLN A 109 6.77 -3.04 0.58
CA GLN A 109 6.71 -1.91 -0.34
C GLN A 109 5.28 -1.70 -0.81
N THR A 110 4.89 -0.44 -1.00
CA THR A 110 3.58 -0.09 -1.52
C THR A 110 3.77 0.83 -2.71
N PHE A 111 3.15 0.47 -3.83
CA PHE A 111 3.20 1.22 -5.07
C PHE A 111 1.80 1.62 -5.46
N VAL A 112 1.67 2.82 -6.03
CA VAL A 112 0.49 3.19 -6.81
C VAL A 112 0.97 3.50 -8.22
N LEU A 113 0.50 2.71 -9.19
CA LEU A 113 0.80 2.92 -10.60
C LEU A 113 -0.41 3.60 -11.25
N ALA A 114 -0.16 4.70 -11.95
CA ALA A 114 -1.19 5.46 -12.62
C ALA A 114 -0.99 5.43 -14.13
N PRO A 115 -2.06 5.38 -14.92
CA PRO A 115 -1.90 5.47 -16.38
C PRO A 115 -1.14 6.72 -16.76
N GLU A 116 -0.10 6.54 -17.58
CA GLU A 116 0.70 7.67 -18.02
C GLU A 116 -0.11 8.63 -18.90
N GLY A 117 -1.13 8.13 -19.59
CA GLY A 117 -2.13 8.96 -20.22
C GLY A 117 -1.89 9.30 -21.68
N SER A 118 -0.67 9.07 -22.20
CA SER A 118 -0.38 9.35 -23.59
C SER A 118 -0.07 8.10 -24.41
N VAL A 119 0.34 7.01 -23.76
CA VAL A 119 0.59 5.73 -24.42
C VAL A 119 -0.31 4.69 -23.77
N ALA A 120 -0.98 3.88 -24.60
CA ALA A 120 -1.86 2.86 -24.05
C ALA A 120 -1.06 1.85 -23.23
N ASN A 121 -1.63 1.44 -22.10
CA ASN A 121 -1.03 0.44 -21.20
C ASN A 121 0.32 0.88 -20.65
N LYS A 122 0.58 2.18 -20.61
CA LYS A 122 1.80 2.71 -20.01
C LYS A 122 1.44 3.34 -18.66
N PHE A 123 2.22 3.03 -17.62
CA PHE A 123 1.95 3.52 -16.28
C PHE A 123 3.19 4.20 -15.74
N TYR A 124 2.99 5.10 -14.78
CA TYR A 124 4.07 5.71 -14.03
C TYR A 124 3.81 5.50 -12.54
N VAL A 125 4.87 5.63 -11.74
CA VAL A 125 4.78 5.43 -10.30
C VAL A 125 4.38 6.74 -9.65
N HIS A 126 3.13 6.82 -9.19
CA HIS A 126 2.65 7.98 -8.45
C HIS A 126 3.12 7.97 -7.00
N ASN A 127 3.19 6.78 -6.39
CA ASN A 127 3.62 6.64 -5.00
C ASN A 127 4.53 5.43 -4.87
N ASP A 128 5.58 5.57 -4.06
CA ASP A 128 6.56 4.50 -3.82
C ASP A 128 6.94 4.53 -2.33
N ILE A 129 6.31 3.67 -1.54
CA ILE A 129 6.55 3.61 -0.10
C ILE A 129 7.24 2.29 0.24
N PHE A 130 8.53 2.37 0.56
CA PHE A 130 9.36 1.22 0.90
C PHE A 130 9.78 1.32 2.35
N ARG A 131 9.81 0.18 3.03
CA ARG A 131 10.22 0.13 4.43
C ARG A 131 10.83 -1.21 4.80
N TYR A 132 12.05 -1.14 5.34
CA TYR A 132 12.62 -2.29 6.02
C TYR A 132 11.87 -2.51 7.32
N GLN A 133 11.45 -3.75 7.56
CA GLN A 133 10.70 -4.01 8.78
C GLN A 133 11.58 -4.05 10.03
N ASP A 134 12.87 -4.37 9.89
CA ASP A 134 13.73 -4.36 11.07
C ASP A 134 13.88 -2.97 11.65
N GLU A 135 13.76 -1.93 10.81
CA GLU A 135 13.77 -0.56 11.31
C GLU A 135 12.49 -0.21 12.06
N VAL A 136 11.46 -1.04 11.93
CA VAL A 136 10.14 -0.73 12.46
C VAL A 136 9.78 -1.63 13.64
N PHE A 137 10.05 -2.93 13.52
CA PHE A 137 9.76 -3.86 14.60
C PHE A 137 10.98 -4.03 15.50
N VAL B 1 -15.29 28.51 2.52
CA VAL B 1 -14.49 27.57 1.75
C VAL B 1 -13.27 27.15 2.55
N MET B 2 -13.33 25.93 3.10
CA MET B 2 -12.29 25.42 3.98
C MET B 2 -11.20 24.73 3.17
N GLU B 3 -10.22 24.17 3.87
CA GLU B 3 -9.07 23.49 3.25
C GLU B 3 -9.23 21.98 3.33
N LYS B 4 -8.67 21.29 2.34
CA LYS B 4 -8.66 19.84 2.33
C LYS B 4 -7.59 19.32 3.31
N PRO B 5 -7.86 18.22 4.00
CA PRO B 5 -6.93 17.77 5.05
C PRO B 5 -5.66 17.18 4.46
N SER B 6 -4.60 17.20 5.28
CA SER B 6 -3.35 16.58 4.90
C SER B 6 -3.52 15.07 4.80
N PRO B 7 -2.70 14.40 3.98
CA PRO B 7 -2.83 12.94 3.88
C PRO B 7 -2.41 12.21 5.14
N LEU B 8 -1.37 12.69 5.83
CA LEU B 8 -0.95 12.05 7.07
C LEU B 8 -2.07 12.03 8.11
N LEU B 9 -2.76 13.17 8.27
CA LEU B 9 -3.84 13.25 9.25
C LEU B 9 -4.96 12.28 8.91
N VAL B 10 -5.38 12.24 7.65
CA VAL B 10 -6.43 11.32 7.21
C VAL B 10 -6.01 9.87 7.47
N GLY B 11 -4.78 9.52 7.11
CA GLY B 11 -4.34 8.14 7.27
C GLY B 11 -4.25 7.71 8.73
N ARG B 12 -3.68 8.57 9.57
CA ARG B 12 -3.57 8.27 11.00
C ARG B 12 -4.95 8.11 11.62
N GLU B 13 -5.83 9.10 11.39
CA GLU B 13 -7.18 9.04 11.94
C GLU B 13 -7.92 7.80 11.47
N PHE B 14 -7.76 7.45 10.18
CA PHE B 14 -8.42 6.26 9.67
C PHE B 14 -7.87 5.00 10.31
N VAL B 15 -6.55 4.92 10.50
CA VAL B 15 -5.97 3.73 11.13
C VAL B 15 -6.53 3.56 12.53
N ARG B 16 -6.58 4.66 13.29
CA ARG B 16 -7.20 4.63 14.62
C ARG B 16 -8.61 4.08 14.55
N GLN B 17 -9.46 4.70 13.74
CA GLN B 17 -10.87 4.31 13.74
C GLN B 17 -11.04 2.88 13.25
N TYR B 18 -10.24 2.48 12.27
CA TYR B 18 -10.33 1.14 11.69
C TYR B 18 -10.02 0.09 12.73
N TYR B 19 -8.89 0.23 13.43
CA TYR B 19 -8.54 -0.86 14.34
C TYR B 19 -9.35 -0.83 15.64
N THR B 20 -9.77 0.35 16.10
CA THR B 20 -10.72 0.34 17.22
C THR B 20 -12.03 -0.32 16.82
N LEU B 21 -12.51 -0.08 15.60
CA LEU B 21 -13.74 -0.73 15.18
C LEU B 21 -13.53 -2.23 15.04
N LEU B 22 -12.38 -2.64 14.50
CA LEU B 22 -12.08 -4.06 14.40
C LEU B 22 -12.12 -4.72 15.77
N ASN B 23 -11.66 -4.01 16.81
CA ASN B 23 -11.69 -4.59 18.14
C ASN B 23 -13.07 -4.54 18.78
N GLN B 24 -13.83 -3.46 18.55
CA GLN B 24 -15.04 -3.20 19.31
C GLN B 24 -16.30 -3.70 18.60
N ALA B 25 -16.36 -3.62 17.27
CA ALA B 25 -17.53 -4.05 16.51
C ALA B 25 -17.08 -4.43 15.10
N PRO B 26 -16.46 -5.60 14.96
CA PRO B 26 -15.99 -6.00 13.62
C PRO B 26 -17.11 -6.19 12.63
N ASP B 27 -18.31 -6.57 13.08
CA ASP B 27 -19.45 -6.64 12.18
C ASP B 27 -19.81 -5.29 11.59
N MET B 28 -19.24 -4.19 12.10
CA MET B 28 -19.45 -2.86 11.56
C MET B 28 -18.43 -2.50 10.49
N LEU B 29 -17.35 -3.28 10.36
CA LEU B 29 -16.23 -2.86 9.53
C LEU B 29 -16.66 -2.64 8.08
N HIS B 30 -17.59 -3.45 7.58
CA HIS B 30 -18.04 -3.32 6.21
C HIS B 30 -18.52 -1.91 5.87
N ARG B 31 -18.92 -1.14 6.89
CA ARG B 31 -19.43 0.21 6.65
C ARG B 31 -18.37 1.15 6.09
N PHE B 32 -17.09 0.76 6.15
CA PHE B 32 -16.01 1.57 5.60
C PHE B 32 -15.95 1.53 4.08
N TYR B 33 -16.61 0.55 3.45
CA TYR B 33 -16.34 0.19 2.07
C TYR B 33 -17.48 0.61 1.15
N GLY B 34 -17.18 0.62 -0.15
CA GLY B 34 -18.15 0.93 -1.17
C GLY B 34 -18.42 -0.24 -2.08
N LYS B 35 -19.15 0.04 -3.16
CA LYS B 35 -19.54 -1.02 -4.09
C LYS B 35 -18.33 -1.64 -4.78
N ASN B 36 -17.28 -0.86 -5.02
CA ASN B 36 -16.15 -1.29 -5.84
C ASN B 36 -14.87 -1.47 -5.02
N SER B 37 -14.97 -1.71 -3.73
CA SER B 37 -13.81 -1.85 -2.87
C SER B 37 -13.29 -3.28 -2.88
N SER B 38 -11.96 -3.41 -2.94
CA SER B 38 -11.30 -4.72 -2.87
C SER B 38 -10.82 -4.97 -1.44
N TYR B 39 -10.91 -6.22 -1.00
CA TYR B 39 -10.56 -6.57 0.37
C TYR B 39 -9.94 -7.96 0.41
N VAL B 40 -8.73 -8.05 1.00
CA VAL B 40 -8.12 -9.32 1.35
C VAL B 40 -7.42 -9.17 2.70
N HIS B 41 -7.53 -10.18 3.56
CA HIS B 41 -6.96 -10.15 4.92
CA HIS B 41 -6.94 -10.14 4.90
C HIS B 41 -6.22 -11.46 5.17
N GLY B 42 -5.09 -11.64 4.49
CA GLY B 42 -4.27 -12.82 4.70
C GLY B 42 -5.00 -14.09 4.31
N GLY B 43 -4.78 -15.14 5.08
CA GLY B 43 -5.37 -16.43 4.75
C GLY B 43 -4.54 -17.21 3.76
N LEU B 44 -4.58 -18.53 3.92
CA LEU B 44 -3.85 -19.45 3.06
C LEU B 44 -4.80 -20.50 2.52
N ASP B 45 -4.84 -20.64 1.20
CA ASP B 45 -5.64 -21.70 0.59
C ASP B 45 -5.09 -23.07 0.98
N SER B 46 -5.97 -24.07 0.98
CA SER B 46 -5.57 -25.42 1.35
C SER B 46 -4.55 -25.96 0.35
N ASN B 47 -3.33 -26.18 0.81
CA ASN B 47 -2.22 -26.59 -0.05
C ASN B 47 -2.04 -25.62 -1.21
N GLY B 48 -2.21 -24.32 -0.92
CA GLY B 48 -2.16 -23.30 -1.94
C GLY B 48 -1.60 -22.00 -1.42
N LYS B 49 -1.56 -21.01 -2.29
CA LYS B 49 -0.94 -19.71 -2.02
C LYS B 49 -1.86 -18.87 -1.14
N PRO B 50 -1.42 -17.64 -0.77
CA PRO B 50 -2.33 -16.69 -0.10
C PRO B 50 -3.72 -16.59 -0.71
N ALA B 51 -4.69 -16.16 0.10
CA ALA B 51 -6.09 -16.14 -0.32
C ALA B 51 -6.35 -15.02 -1.34
N ASP B 52 -7.54 -15.07 -1.93
CA ASP B 52 -7.92 -14.10 -2.96
CA ASP B 52 -7.96 -14.13 -2.95
C ASP B 52 -8.68 -12.95 -2.30
N ALA B 53 -9.35 -12.12 -3.11
CA ALA B 53 -10.01 -10.92 -2.62
C ALA B 53 -11.49 -10.91 -2.99
N VAL B 54 -12.29 -10.29 -2.12
CA VAL B 54 -13.72 -10.11 -2.35
C VAL B 54 -13.99 -8.63 -2.58
N TYR B 55 -15.14 -8.34 -3.16
CA TYR B 55 -15.46 -6.99 -3.64
C TYR B 55 -16.86 -6.58 -3.19
N GLY B 56 -16.99 -5.31 -2.80
CA GLY B 56 -18.27 -4.76 -2.41
C GLY B 56 -18.59 -4.98 -0.94
N GLN B 57 -19.49 -4.14 -0.44
CA GLN B 57 -19.77 -4.10 1.00
C GLN B 57 -20.30 -5.44 1.52
N LYS B 58 -21.16 -6.10 0.75
CA LYS B 58 -21.82 -7.30 1.26
C LYS B 58 -20.86 -8.48 1.34
N GLU B 59 -20.10 -8.72 0.26
CA GLU B 59 -19.10 -9.78 0.30
C GLU B 59 -18.02 -9.50 1.32
N ILE B 60 -17.65 -8.23 1.49
CA ILE B 60 -16.63 -7.89 2.47
C ILE B 60 -17.14 -8.19 3.88
N HIS B 61 -18.39 -7.84 4.16
CA HIS B 61 -19.00 -8.21 5.43
C HIS B 61 -19.01 -9.72 5.62
N ARG B 62 -19.38 -10.46 4.57
CA ARG B 62 -19.40 -11.92 4.69
C ARG B 62 -18.02 -12.47 5.04
N LYS B 63 -16.97 -11.97 4.37
CA LYS B 63 -15.62 -12.40 4.68
C LYS B 63 -15.22 -12.04 6.10
N VAL B 64 -15.52 -10.80 6.51
CA VAL B 64 -15.14 -10.33 7.85
C VAL B 64 -15.77 -11.20 8.92
N MET B 65 -17.07 -11.50 8.78
CA MET B 65 -17.71 -12.36 9.76
C MET B 65 -17.22 -13.80 9.69
N SER B 66 -16.82 -14.27 8.50
CA SER B 66 -16.22 -15.60 8.44
C SER B 66 -14.85 -15.64 9.10
N GLN B 67 -14.19 -14.49 9.25
CA GLN B 67 -12.88 -14.45 9.90
C GLN B 67 -12.97 -14.51 11.42
N ASN B 68 -14.14 -14.28 12.00
CA ASN B 68 -14.39 -14.48 13.44
C ASN B 68 -13.43 -13.64 14.30
N PHE B 69 -13.58 -12.33 14.20
CA PHE B 69 -12.77 -11.42 14.98
C PHE B 69 -13.33 -11.32 16.39
N THR B 70 -12.51 -11.68 17.38
CA THR B 70 -12.91 -11.66 18.78
C THR B 70 -11.77 -11.06 19.59
N ASN B 71 -12.07 -10.03 20.36
CA ASN B 71 -11.09 -9.36 21.22
CA ASN B 71 -11.09 -9.36 21.22
C ASN B 71 -9.81 -9.07 20.43
N CYS B 72 -10.00 -8.54 19.22
CA CYS B 72 -8.87 -8.22 18.36
C CYS B 72 -8.00 -7.15 18.99
N HIS B 73 -6.70 -7.39 19.04
CA HIS B 73 -5.76 -6.43 19.60
C HIS B 73 -4.71 -6.12 18.55
N THR B 74 -4.46 -4.83 18.34
CA THR B 74 -3.58 -4.37 17.28
C THR B 74 -2.54 -3.44 17.87
N LYS B 75 -1.28 -3.74 17.63
CA LYS B 75 -0.18 -2.86 17.96
C LYS B 75 0.34 -2.26 16.66
N ILE B 76 0.19 -0.95 16.52
CA ILE B 76 0.61 -0.25 15.32
C ILE B 76 2.02 0.26 15.55
N ARG B 77 2.94 -0.11 14.65
N ARG B 77 2.94 -0.12 14.67
CA ARG B 77 4.32 0.33 14.79
CA ARG B 77 4.32 0.33 14.79
C ARG B 77 4.76 1.32 13.71
C ARG B 77 4.77 1.24 13.67
N HIS B 78 4.13 1.33 12.53
N HIS B 78 4.01 1.34 12.58
CA HIS B 78 4.37 2.45 11.63
CA HIS B 78 4.35 2.35 11.57
C HIS B 78 3.22 2.63 10.67
C HIS B 78 3.17 2.61 10.65
N VAL B 79 2.99 3.89 10.30
CA VAL B 79 1.94 4.31 9.38
C VAL B 79 2.51 5.35 8.41
N ASP B 80 2.31 5.11 7.13
CA ASP B 80 2.56 6.08 6.08
C ASP B 80 1.26 6.46 5.40
N ALA B 81 1.13 7.72 5.03
CA ALA B 81 -0.04 8.18 4.28
C ALA B 81 0.45 9.26 3.34
N HIS B 82 0.13 9.09 2.06
CA HIS B 82 0.55 10.04 1.05
C HIS B 82 -0.61 10.32 0.11
N ALA B 83 -0.65 11.54 -0.40
CA ALA B 83 -1.65 11.91 -1.40
C ALA B 83 -1.46 11.04 -2.65
N THR B 84 -2.57 10.70 -3.28
CA THR B 84 -2.55 9.88 -4.47
C THR B 84 -3.74 10.28 -5.34
N LEU B 85 -3.88 9.60 -6.48
CA LEU B 85 -4.80 9.97 -7.55
C LEU B 85 -6.14 10.48 -7.03
N ASN B 86 -6.63 11.53 -7.68
CA ASN B 86 -7.94 12.13 -7.43
C ASN B 86 -8.22 12.27 -5.93
N ASP B 87 -7.33 13.00 -5.28
CA ASP B 87 -7.48 13.38 -3.88
C ASP B 87 -7.60 12.16 -2.98
N GLY B 88 -7.03 11.02 -3.39
CA GLY B 88 -7.01 9.85 -2.55
C GLY B 88 -5.84 9.89 -1.58
N VAL B 89 -5.84 8.94 -0.66
CA VAL B 89 -4.74 8.79 0.30
C VAL B 89 -4.33 7.32 0.31
N VAL B 90 -3.09 7.05 -0.07
CA VAL B 90 -2.54 5.70 0.06
C VAL B 90 -1.89 5.59 1.43
N VAL B 91 -2.19 4.50 2.13
CA VAL B 91 -1.71 4.28 3.49
C VAL B 91 -1.02 2.93 3.56
N GLN B 92 0.15 2.91 4.18
CA GLN B 92 0.89 1.67 4.44
C GLN B 92 1.02 1.52 5.94
N VAL B 93 0.53 0.41 6.49
CA VAL B 93 0.55 0.15 7.91
C VAL B 93 1.42 -1.07 8.16
N MET B 94 2.31 -0.98 9.14
CA MET B 94 3.12 -2.10 9.61
C MET B 94 2.80 -2.27 11.09
N GLY B 95 2.42 -3.47 11.49
CA GLY B 95 2.09 -3.67 12.90
C GLY B 95 1.97 -5.12 13.29
N LEU B 96 1.41 -5.35 14.47
CA LEU B 96 1.12 -6.68 14.97
C LEU B 96 -0.35 -6.80 15.33
N LEU B 97 -0.95 -7.95 15.01
CA LEU B 97 -2.35 -8.22 15.26
C LEU B 97 -2.51 -9.57 15.96
N SER B 98 -3.38 -9.62 16.96
CA SER B 98 -3.70 -10.86 17.66
CA SER B 98 -3.70 -10.86 17.66
C SER B 98 -5.21 -11.00 17.72
N ASN B 99 -5.71 -12.15 17.27
CA ASN B 99 -7.14 -12.44 17.28
C ASN B 99 -7.43 -13.53 18.29
N ASN B 100 -8.54 -13.36 19.03
CA ASN B 100 -9.02 -14.37 19.97
C ASN B 100 -7.97 -14.67 21.04
N ASN B 101 -7.24 -13.63 21.45
CA ASN B 101 -6.18 -13.75 22.47
C ASN B 101 -5.15 -14.81 22.08
N GLN B 102 -4.86 -14.88 20.78
CA GLN B 102 -3.88 -15.84 20.28
C GLN B 102 -2.58 -15.12 19.95
N ALA B 103 -1.84 -15.63 18.98
CA ALA B 103 -0.49 -15.12 18.74
C ALA B 103 -0.52 -13.69 18.22
N LEU B 104 0.36 -12.86 18.78
CA LEU B 104 0.67 -11.54 18.24
C LEU B 104 1.50 -11.71 16.96
N ARG B 105 0.92 -11.41 15.81
CA ARG B 105 1.51 -11.74 14.51
C ARG B 105 1.80 -10.49 13.72
N ARG B 106 2.99 -10.42 13.14
CA ARG B 106 3.39 -9.26 12.35
C ARG B 106 2.65 -9.23 11.01
N PHE B 107 2.28 -8.02 10.58
CA PHE B 107 1.51 -7.85 9.37
C PHE B 107 1.89 -6.55 8.67
N MET B 108 1.58 -6.53 7.38
CA MET B 108 1.64 -5.36 6.52
C MET B 108 0.29 -5.18 5.86
N GLN B 109 -0.14 -3.92 5.76
CA GLN B 109 -1.43 -3.60 5.19
C GLN B 109 -1.29 -2.40 4.27
N THR B 110 -2.01 -2.41 3.15
CA THR B 110 -2.09 -1.26 2.28
C THR B 110 -3.56 -0.87 2.12
N PHE B 111 -3.86 0.39 2.39
CA PHE B 111 -5.17 0.99 2.17
C PHE B 111 -5.08 2.03 1.06
N VAL B 112 -6.15 2.14 0.28
CA VAL B 112 -6.38 3.32 -0.55
C VAL B 112 -7.69 3.92 -0.09
N LEU B 113 -7.64 5.13 0.46
CA LEU B 113 -8.83 5.86 0.89
C LEU B 113 -9.21 6.85 -0.19
N ALA B 114 -10.51 6.91 -0.52
CA ALA B 114 -10.99 7.83 -1.53
C ALA B 114 -12.07 8.72 -0.96
N PRO B 115 -12.22 9.94 -1.46
CA PRO B 115 -13.31 10.80 -1.02
C PRO B 115 -14.66 10.14 -1.27
N GLU B 116 -15.51 10.15 -0.24
CA GLU B 116 -16.84 9.56 -0.39
C GLU B 116 -17.67 10.31 -1.41
N GLY B 117 -17.52 11.62 -1.49
CA GLY B 117 -18.14 12.38 -2.56
C GLY B 117 -19.29 13.28 -2.15
N SER B 118 -20.15 12.78 -1.27
CA SER B 118 -21.34 13.53 -0.87
C SER B 118 -21.12 14.39 0.37
N VAL B 119 -20.30 13.91 1.32
CA VAL B 119 -20.05 14.61 2.57
C VAL B 119 -18.61 15.11 2.58
N ALA B 120 -18.45 16.41 2.83
CA ALA B 120 -17.12 17.02 2.80
C ALA B 120 -16.18 16.33 3.78
N ASN B 121 -14.96 16.05 3.31
CA ASN B 121 -13.90 15.45 4.13
C ASN B 121 -14.29 14.07 4.65
N LYS B 122 -15.15 13.38 3.92
CA LYS B 122 -15.48 11.99 4.20
C LYS B 122 -14.74 11.08 3.24
N PHE B 123 -14.25 9.95 3.75
CA PHE B 123 -13.47 9.01 2.97
C PHE B 123 -14.00 7.60 3.17
N TYR B 124 -13.90 6.80 2.13
CA TYR B 124 -14.20 5.37 2.20
C TYR B 124 -12.97 4.57 1.78
N VAL B 125 -12.99 3.28 2.08
CA VAL B 125 -11.89 2.38 1.76
C VAL B 125 -12.14 1.79 0.38
N HIS B 126 -11.34 2.20 -0.61
CA HIS B 126 -11.43 1.60 -1.93
C HIS B 126 -10.64 0.30 -2.01
N ASN B 127 -9.50 0.22 -1.33
CA ASN B 127 -8.64 -0.96 -1.36
C ASN B 127 -8.13 -1.28 0.04
N ASP B 128 -8.18 -2.56 0.40
CA ASP B 128 -7.71 -3.05 1.70
C ASP B 128 -6.95 -4.35 1.46
N ILE B 129 -5.62 -4.30 1.51
CA ILE B 129 -4.76 -5.47 1.33
C ILE B 129 -3.98 -5.71 2.62
N PHE B 130 -4.23 -6.85 3.26
CA PHE B 130 -3.61 -7.22 4.52
C PHE B 130 -2.89 -8.56 4.33
N ARG B 131 -1.65 -8.65 4.81
CA ARG B 131 -0.90 -9.90 4.74
C ARG B 131 -0.11 -10.11 6.02
N TYR B 132 -0.25 -11.30 6.62
CA TYR B 132 0.64 -11.70 7.70
C TYR B 132 1.99 -12.11 7.15
N GLN B 133 3.06 -11.70 7.85
CA GLN B 133 4.40 -12.08 7.42
C GLN B 133 4.63 -13.59 7.53
N ASP B 134 4.09 -14.24 8.56
CA ASP B 134 4.35 -15.66 8.75
C ASP B 134 3.64 -16.53 7.73
N GLU B 135 2.81 -15.94 6.86
CA GLU B 135 2.22 -16.66 5.75
C GLU B 135 2.93 -16.37 4.44
N VAL B 136 4.03 -15.63 4.49
CA VAL B 136 4.77 -15.22 3.29
C VAL B 136 6.25 -15.53 3.46
N PHE B 137 6.83 -15.07 4.58
CA PHE B 137 8.27 -15.23 4.84
C PHE B 137 8.57 -16.49 5.62
N GLY B 138 7.64 -16.88 6.50
N PRO C 2 -1.04 -8.15 -24.04
CA PRO C 2 -0.80 -6.73 -24.30
C PRO C 2 0.62 -6.31 -23.91
N ARG C 3 1.03 -5.12 -24.34
CA ARG C 3 2.38 -4.62 -24.08
C ARG C 3 2.29 -3.56 -22.98
N ILE C 4 2.83 -3.90 -21.81
CA ILE C 4 2.77 -3.03 -20.63
C ILE C 4 4.13 -2.37 -20.45
N THR C 5 4.15 -1.04 -20.46
CA THR C 5 5.37 -0.27 -20.31
C THR C 5 5.23 0.69 -19.15
N PHE C 6 6.34 1.29 -18.75
CA PHE C 6 6.35 2.18 -17.60
C PHE C 6 7.26 3.37 -17.85
N GLY C 7 6.86 4.51 -17.30
CA GLY C 7 7.61 5.74 -17.42
C GLY C 7 6.74 6.96 -17.19
N GLY C 8 7.33 8.04 -16.69
CA GLY C 8 6.62 9.28 -16.49
C GLY C 8 6.22 9.92 -17.80
N PRO C 9 5.31 10.90 -17.73
CA PRO C 9 4.82 11.55 -18.95
C PRO C 9 5.80 12.54 -19.56
N SER C 10 7.08 12.16 -19.61
CA SER C 10 8.12 13.04 -20.12
C SER C 10 8.75 12.47 -21.41
CA ALA D 1 -14.11 23.26 9.04
C ALA D 1 -14.69 21.91 9.49
N PRO D 2 -15.24 21.09 8.59
CA PRO D 2 -15.86 19.84 9.03
C PRO D 2 -14.81 18.82 9.47
N ARG D 3 -15.22 17.99 10.42
CA ARG D 3 -14.35 16.92 10.88
CA ARG D 3 -14.37 16.92 10.89
C ARG D 3 -14.20 15.85 9.81
N ILE D 4 -13.11 15.09 9.93
CA ILE D 4 -12.88 13.99 9.01
C ILE D 4 -13.71 12.79 9.46
N THR D 5 -14.49 12.24 8.54
CA THR D 5 -15.29 11.06 8.80
C THR D 5 -14.96 9.96 7.80
N PHE D 6 -15.43 8.75 8.09
CA PHE D 6 -15.16 7.60 7.27
C PHE D 6 -16.42 6.77 7.09
N GLY D 7 -16.61 6.25 5.89
CA GLY D 7 -17.77 5.44 5.59
C GLY D 7 -18.06 5.38 4.09
N GLY D 8 -18.70 4.30 3.65
CA GLY D 8 -19.04 4.12 2.26
C GLY D 8 -20.11 5.10 1.80
N PRO D 9 -20.33 5.16 0.48
CA PRO D 9 -21.26 6.15 -0.07
C PRO D 9 -22.74 5.81 0.12
N SER D 10 -23.05 4.59 0.56
CA SER D 10 -24.44 4.13 0.72
C SER D 10 -25.22 4.29 -0.59
N ASP D 11 -24.83 3.47 -1.56
CA ASP D 11 -25.42 3.51 -2.89
C ASP D 11 -25.96 2.15 -3.30
#